data_2ETW
#
_entry.id   2ETW
#
_cell.length_a   70.299
_cell.length_b   78.919
_cell.length_c   161.625
_cell.angle_alpha   90.00
_cell.angle_beta   90.00
_cell.angle_gamma   90.00
#
_symmetry.space_group_name_H-M   'C 2 2 21'
#
loop_
_entity.id
_entity.type
_entity.pdbx_description
1 polymer "5'-D(*TP*GP*CP*CP*AP*CP*AP*CP*AP*AP*AP*AP*AP*C)-3'"
2 polymer "5'-D(*AP*GP*TP*TP*TP*TP*TP*GP*TP*GP*TP*GP*GP*C)-3'"
3 polymer 'NDT80 protein'
4 water water
#
loop_
_entity_poly.entity_id
_entity_poly.type
_entity_poly.pdbx_seq_one_letter_code
_entity_poly.pdbx_strand_id
1 'polydeoxyribonucleotide' (DT)(DG)(DC)(DC)(DA)(DC)(DA)(DC)(DA)(DA)(DA)(DA)(DA)(DC) B
2 'polydeoxyribonucleotide' (DA)(DG)(DT)(DT)(DT)(DT)(DT)(DG)(DT)(DG)(DT)(DG)(DG)(DC) C
3 'polypeptide(L)'
;GPLGSMNEMENTDPVLQDDLVSKYERELSTEQEEDTPVILTQLNEDGTTSNYFDKRKLKIAPRSTLQFKVGPPFELVRDY
CPVVESHTGRTLDLRIIPRIDRGFDHIDEEWVGYKRNYFTLVSTFETANCDLDTFLKSSFDLLVEDSSVEGRLRVQYFAI
KIKAKNDDDDTEINLVQHTAKRDKGPQFCPSVCPLVPSPLPKHQTIREASNVRNITKMKKYDSTFYLHRDHVNYEEYGVD
SLLFSYPEDSIQKVARYERVQFASSISVKKPSQQNKHFSLHVILGAVVDPDTFHGENPGIPYDELALKNGSKGMFVYLQE
MKTPPLIIRGRSPSNYASSQRITVR
;
A
#
loop_
_chem_comp.id
_chem_comp.type
_chem_comp.name
_chem_comp.formula
DA DNA linking 2'-DEOXYADENOSINE-5'-MONOPHOSPHATE 'C10 H14 N5 O6 P'
DC DNA linking 2'-DEOXYCYTIDINE-5'-MONOPHOSPHATE 'C9 H14 N3 O7 P'
DG DNA linking 2'-DEOXYGUANOSINE-5'-MONOPHOSPHATE 'C10 H14 N5 O7 P'
DT DNA linking THYMIDINE-5'-MONOPHOSPHATE 'C10 H15 N2 O8 P'
#
# COMPACT_ATOMS: atom_id res chain seq x y z
N VAL C 38 -13.62 27.60 -6.70
CA VAL C 38 -12.39 27.44 -5.87
C VAL C 38 -12.26 26.02 -5.31
N ILE C 39 -13.38 25.45 -4.85
CA ILE C 39 -13.36 24.05 -4.36
C ILE C 39 -14.26 23.27 -5.27
N LEU C 40 -13.75 22.18 -5.82
CA LEU C 40 -14.53 21.27 -6.66
C LEU C 40 -14.77 19.96 -5.94
N THR C 41 -16.03 19.56 -5.88
CA THR C 41 -16.45 18.48 -5.00
C THR C 41 -16.94 17.26 -5.79
N GLN C 42 -16.45 16.09 -5.41
CA GLN C 42 -16.85 14.79 -5.95
C GLN C 42 -17.33 13.92 -4.81
N LEU C 43 -18.41 13.16 -5.03
CA LEU C 43 -18.95 12.25 -4.04
C LEU C 43 -18.15 10.95 -4.06
N ASN C 44 -17.69 10.50 -2.90
CA ASN C 44 -16.95 9.25 -2.77
C ASN C 44 -17.91 8.08 -2.68
N GLU C 45 -17.39 6.86 -2.78
CA GLU C 45 -18.22 5.66 -2.74
C GLU C 45 -19.09 5.52 -1.48
N ASP C 46 -18.57 5.94 -0.34
CA ASP C 46 -19.24 5.79 0.95
C ASP C 46 -20.09 7.02 1.36
N GLY C 47 -20.22 7.97 0.46
CA GLY C 47 -21.02 9.16 0.74
C GLY C 47 -20.29 10.35 1.33
N THR C 48 -19.00 10.21 1.61
CA THR C 48 -18.19 11.37 1.99
C THR C 48 -17.88 12.13 0.72
N THR C 49 -17.25 13.30 0.87
CA THR C 49 -16.84 14.10 -0.29
C THR C 49 -15.34 14.22 -0.35
N SER C 50 -14.85 14.32 -1.58
CA SER C 50 -13.50 14.77 -1.86
C SER C 50 -13.62 16.17 -2.40
N ASN C 51 -12.87 17.08 -1.79
CA ASN C 51 -12.93 18.50 -2.09
C ASN C 51 -11.57 18.94 -2.61
N TYR C 52 -11.50 19.11 -3.91
CA TYR C 52 -10.24 19.42 -4.56
C TYR C 52 -10.05 20.91 -4.66
N PHE C 53 -8.91 21.38 -4.15
CA PHE C 53 -8.60 22.80 -4.24
C PHE C 53 -7.11 22.98 -4.51
N ASP C 54 -6.76 24.16 -5.02
CA ASP C 54 -5.40 24.48 -5.42
C ASP C 54 -4.77 25.30 -4.31
N LYS C 55 -3.71 24.77 -3.69
CA LYS C 55 -3.08 25.42 -2.54
C LYS C 55 -2.35 26.72 -2.92
N ARG C 56 -2.16 26.93 -4.22
CA ARG C 56 -1.64 28.19 -4.75
C ARG C 56 -2.65 29.31 -4.57
N LYS C 57 -3.93 28.94 -4.47
CA LYS C 57 -5.04 29.89 -4.45
C LYS C 57 -5.82 29.93 -3.14
N LEU C 58 -5.84 28.82 -2.40
CA LEU C 58 -6.64 28.72 -1.19
C LEU C 58 -5.86 27.96 -0.12
N LYS C 59 -5.71 28.59 1.04
CA LYS C 59 -5.11 27.95 2.20
C LYS C 59 -6.19 27.52 3.17
N ILE C 60 -6.14 26.24 3.51
CA ILE C 60 -7.06 25.57 4.41
C ILE C 60 -6.21 25.05 5.56
N ALA C 61 -6.81 25.01 6.75
CA ALA C 61 -6.11 24.61 7.98
C ALA C 61 -5.58 23.18 7.89
N PRO C 62 -4.48 22.88 8.57
CA PRO C 62 -3.87 21.55 8.47
C PRO C 62 -4.76 20.37 8.86
N ARG C 63 -5.65 20.57 9.83
CA ARG C 63 -6.47 19.47 10.34
C ARG C 63 -7.91 19.53 9.81
N SER C 64 -8.17 20.44 8.89
CA SER C 64 -9.49 20.49 8.26
C SER C 64 -9.80 19.15 7.56
N THR C 65 -11.05 18.69 7.66
CA THR C 65 -11.45 17.47 6.95
C THR C 65 -11.32 17.64 5.44
N LEU C 66 -11.25 18.88 4.98
CA LEU C 66 -10.99 19.16 3.54
C LEU C 66 -9.62 18.69 3.04
N GLN C 67 -8.67 18.39 3.93
CA GLN C 67 -7.38 17.84 3.53
C GLN C 67 -7.48 16.35 3.22
N PHE C 68 -8.55 15.68 3.67
CA PHE C 68 -8.79 14.28 3.34
C PHE C 68 -9.60 14.21 2.04
N LYS C 69 -9.07 13.47 1.06
CA LYS C 69 -9.76 13.29 -0.21
C LYS C 69 -9.19 12.10 -0.94
N VAL C 70 -10.03 11.48 -1.78
CA VAL C 70 -9.59 10.34 -2.57
C VAL C 70 -8.71 10.83 -3.72
N GLY C 71 -7.57 10.17 -3.87
CA GLY C 71 -6.59 10.55 -4.87
C GLY C 71 -6.83 9.80 -6.18
N PRO C 72 -5.80 9.72 -7.01
CA PRO C 72 -5.96 9.13 -8.34
C PRO C 72 -6.26 7.62 -8.27
N PRO C 73 -7.00 7.11 -9.24
CA PRO C 73 -7.33 5.70 -9.27
C PRO C 73 -6.12 4.92 -9.72
N PHE C 74 -6.01 3.68 -9.30
CA PHE C 74 -4.90 2.84 -9.70
C PHE C 74 -5.31 1.96 -10.86
N GLU C 75 -4.31 1.54 -11.64
CA GLU C 75 -4.49 0.69 -12.81
C GLU C 75 -3.48 -0.46 -12.75
N LEU C 76 -3.87 -1.59 -13.30
CA LEU C 76 -2.99 -2.75 -13.38
C LEU C 76 -1.78 -2.47 -14.24
N VAL C 77 -0.60 -2.79 -13.72
CA VAL C 77 0.62 -2.76 -14.50
C VAL C 77 0.79 -4.15 -15.11
N ARG C 78 0.93 -5.16 -14.27
CA ARG C 78 0.90 -6.54 -14.74
C ARG C 78 0.77 -7.53 -13.62
N ASP C 79 0.44 -8.76 -14.02
CA ASP C 79 0.54 -9.91 -13.15
C ASP C 79 1.85 -10.61 -13.40
N TYR C 80 2.38 -11.22 -12.36
CA TYR C 80 3.67 -11.86 -12.41
C TYR C 80 3.51 -13.37 -12.13
N CYS C 81 4.00 -13.87 -11.00
CA CYS C 81 4.06 -15.30 -10.76
C CYS C 81 2.72 -15.86 -10.30
N PRO C 82 2.22 -16.90 -10.95
CA PRO C 82 1.02 -17.61 -10.51
C PRO C 82 1.21 -18.33 -9.16
N VAL C 83 0.13 -18.40 -8.40
CA VAL C 83 0.09 -19.07 -7.11
C VAL C 83 -0.99 -20.14 -7.17
N VAL C 84 -0.67 -21.34 -6.69
CA VAL C 84 -1.65 -22.44 -6.63
C VAL C 84 -1.75 -23.04 -5.23
N GLU C 85 -2.92 -23.57 -4.90
CA GLU C 85 -3.12 -24.23 -3.62
C GLU C 85 -2.45 -25.59 -3.69
N SER C 86 -1.74 -25.96 -2.62
CA SER C 86 -0.82 -27.09 -2.66
C SER C 86 -1.51 -28.45 -2.70
N HIS C 87 -2.81 -28.51 -2.42
CA HIS C 87 -3.44 -29.83 -2.47
CA HIS C 87 -3.59 -29.76 -2.33
C HIS C 87 -4.47 -30.00 -3.57
N THR C 88 -5.17 -28.94 -3.95
CA THR C 88 -6.15 -29.01 -5.03
C THR C 88 -5.57 -28.56 -6.36
N GLY C 89 -4.54 -27.70 -6.32
CA GLY C 89 -3.95 -27.14 -7.52
C GLY C 89 -4.69 -25.93 -8.04
N ARG C 90 -5.71 -25.47 -7.31
CA ARG C 90 -6.54 -24.34 -7.72
C ARG C 90 -5.67 -23.10 -7.81
N THR C 91 -5.76 -22.40 -8.92
CA THR C 91 -5.05 -21.13 -9.06
C THR C 91 -5.71 -20.10 -8.16
N LEU C 92 -4.88 -19.37 -7.42
CA LEU C 92 -5.36 -18.34 -6.52
C LEU C 92 -5.45 -17.05 -7.32
N ASP C 93 -6.66 -16.59 -7.59
CA ASP C 93 -6.86 -15.35 -8.32
C ASP C 93 -6.72 -14.21 -7.30
N LEU C 94 -5.94 -13.22 -7.66
CA LEU C 94 -5.55 -12.17 -6.71
C LEU C 94 -5.90 -10.82 -7.31
N ARG C 95 -6.24 -9.86 -6.44
CA ARG C 95 -6.49 -8.49 -6.86
C ARG C 95 -6.07 -7.53 -5.78
N ILE C 96 -5.16 -6.61 -6.11
CA ILE C 96 -4.84 -5.49 -5.22
C ILE C 96 -5.99 -4.49 -5.22
N ILE C 97 -6.31 -3.93 -4.04
CA ILE C 97 -7.40 -2.96 -3.86
C ILE C 97 -6.81 -1.77 -3.09
N PRO C 98 -6.22 -0.84 -3.83
CA PRO C 98 -5.56 0.35 -3.28
C PRO C 98 -6.34 1.65 -3.40
N ARG C 99 -5.99 2.60 -2.55
CA ARG C 99 -6.60 3.94 -2.60
C ARG C 99 -5.70 4.94 -1.91
N ILE C 100 -5.67 6.15 -2.44
CA ILE C 100 -5.03 7.26 -1.77
C ILE C 100 -6.10 8.10 -1.06
N ASP C 101 -5.87 8.44 0.23
CA ASP C 101 -6.89 9.11 1.05
C ASP C 101 -6.49 10.51 1.53
N ARG C 102 -5.30 10.96 1.15
CA ARG C 102 -4.81 12.28 1.53
C ARG C 102 -3.63 12.62 0.65
N GLY C 103 -3.47 13.90 0.34
CA GLY C 103 -2.26 14.42 -0.29
C GLY C 103 -2.32 14.75 -1.77
N PHE C 104 -3.39 14.38 -2.45
CA PHE C 104 -3.49 14.61 -3.89
C PHE C 104 -4.82 15.23 -4.34
N ASP C 105 -4.72 16.29 -5.13
CA ASP C 105 -5.88 16.99 -5.64
C ASP C 105 -5.98 16.87 -7.14
N HIS C 106 -7.19 16.81 -7.66
CA HIS C 106 -7.44 16.75 -9.08
C HIS C 106 -7.67 18.19 -9.51
N ILE C 107 -6.66 18.80 -10.11
CA ILE C 107 -6.69 20.19 -10.53
C ILE C 107 -6.43 20.29 -12.04
N ASP C 108 -7.39 20.83 -12.78
CA ASP C 108 -7.28 21.00 -14.25
C ASP C 108 -6.74 19.74 -14.94
N GLU C 109 -7.39 18.62 -14.68
CA GLU C 109 -7.07 17.32 -15.29
C GLU C 109 -5.65 16.83 -14.99
N GLU C 110 -5.08 17.30 -13.90
CA GLU C 110 -3.84 16.71 -13.40
C GLU C 110 -4.04 16.32 -11.95
N TRP C 111 -3.29 15.33 -11.50
CA TRP C 111 -3.28 15.00 -10.09
C TRP C 111 -2.04 15.63 -9.45
N VAL C 112 -2.24 16.42 -8.40
CA VAL C 112 -1.21 17.28 -7.86
C VAL C 112 -0.99 17.01 -6.39
N GLY C 113 0.26 16.76 -6.01
CA GLY C 113 0.65 16.66 -4.62
C GLY C 113 1.69 17.72 -4.29
N TYR C 114 2.00 17.87 -3.00
CA TYR C 114 2.96 18.85 -2.52
C TYR C 114 4.11 18.15 -1.80
N LYS C 115 5.33 18.44 -2.20
CA LYS C 115 6.52 17.85 -1.59
C LYS C 115 6.53 17.95 -0.06
N ARG C 116 6.10 19.08 0.49
CA ARG C 116 6.18 19.32 1.92
C ARG C 116 5.14 18.61 2.79
N ASN C 117 4.12 18.01 2.16
CA ASN C 117 2.93 17.55 2.86
C ASN C 117 2.76 16.04 2.84
N TYR C 118 1.97 15.55 3.77
CA TYR C 118 1.70 14.12 3.88
C TYR C 118 0.74 13.61 2.81
N PHE C 119 0.98 12.41 2.34
CA PHE C 119 -0.06 11.63 1.70
C PHE C 119 -0.30 10.33 2.47
N THR C 120 -1.45 9.73 2.21
CA THR C 120 -1.84 8.45 2.76
C THR C 120 -2.17 7.50 1.61
N LEU C 121 -1.59 6.31 1.61
CA LEU C 121 -1.89 5.27 0.63
C LEU C 121 -2.23 4.02 1.41
N VAL C 122 -3.44 3.51 1.19
CA VAL C 122 -3.87 2.27 1.83
C VAL C 122 -4.11 1.18 0.78
N SER C 123 -3.95 -0.09 1.16
CA SER C 123 -4.27 -1.15 0.22
C SER C 123 -4.60 -2.44 0.96
N THR C 124 -5.51 -3.19 0.39
CA THR C 124 -5.70 -4.60 0.77
C THR C 124 -5.48 -5.43 -0.49
N PHE C 125 -5.68 -6.73 -0.37
CA PHE C 125 -5.88 -7.57 -1.55
C PHE C 125 -7.03 -8.53 -1.34
N GLU C 126 -7.57 -9.01 -2.44
CA GLU C 126 -8.63 -10.00 -2.39
C GLU C 126 -8.27 -11.25 -3.19
N THR C 127 -8.87 -12.36 -2.77
CA THR C 127 -8.75 -13.66 -3.42
C THR C 127 -10.16 -14.07 -3.84
N ALA C 128 -10.51 -13.86 -5.11
CA ALA C 128 -11.90 -14.04 -5.53
C ALA C 128 -12.34 -15.47 -5.33
N ASN C 129 -13.58 -15.63 -4.90
CA ASN C 129 -14.19 -16.94 -4.71
C ASN C 129 -13.43 -17.86 -3.72
N CYS C 130 -12.65 -17.24 -2.82
CA CYS C 130 -11.85 -17.96 -1.84
C CYS C 130 -11.98 -17.27 -0.48
N ASP C 131 -12.64 -17.92 0.46
CA ASP C 131 -12.98 -17.25 1.70
C ASP C 131 -11.79 -17.28 2.65
N LEU C 132 -11.67 -16.24 3.47
CA LEU C 132 -10.52 -16.08 4.36
C LEU C 132 -10.26 -17.28 5.26
N ASP C 133 -11.33 -17.80 5.82
CA ASP C 133 -11.14 -18.87 6.78
C ASP C 133 -10.44 -20.10 6.11
N THR C 134 -10.90 -20.48 4.92
CA THR C 134 -10.28 -21.56 4.18
C THR C 134 -8.84 -21.24 3.74
N PHE C 135 -8.66 -20.03 3.25
CA PHE C 135 -7.36 -19.52 2.80
C PHE C 135 -6.29 -19.69 3.90
N LEU C 136 -6.63 -19.31 5.12
CA LEU C 136 -5.65 -19.33 6.20
C LEU C 136 -5.26 -20.75 6.65
N LYS C 137 -6.16 -21.71 6.43
CA LYS C 137 -5.88 -23.12 6.76
C LYS C 137 -5.12 -23.88 5.67
N SER C 138 -5.12 -23.30 4.47
CA SER C 138 -4.53 -23.90 3.28
C SER C 138 -3.04 -23.61 3.19
N SER C 139 -2.40 -24.10 2.14
CA SER C 139 -1.00 -23.76 1.87
C SER C 139 -0.86 -23.56 0.38
N PHE C 140 0.12 -22.76 -0.01
CA PHE C 140 0.21 -22.26 -1.39
C PHE C 140 1.63 -22.31 -1.91
N ASP C 141 1.74 -22.62 -3.19
CA ASP C 141 3.01 -22.66 -3.89
C ASP C 141 3.02 -21.67 -5.02
N LEU C 142 4.19 -21.13 -5.30
CA LEU C 142 4.44 -20.40 -6.53
C LEU C 142 4.73 -21.38 -7.64
N LEU C 143 4.10 -21.15 -8.79
CA LEU C 143 4.36 -21.95 -9.98
C LEU C 143 5.38 -21.20 -10.82
N VAL C 144 6.65 -21.47 -10.59
CA VAL C 144 7.72 -20.78 -11.33
C VAL C 144 7.92 -21.39 -12.72
N GLU C 145 7.73 -22.71 -12.81
CA GLU C 145 7.74 -23.43 -14.07
C GLU C 145 6.64 -24.49 -14.05
N ASP C 146 5.83 -24.54 -15.10
CA ASP C 146 4.81 -25.57 -15.23
C ASP C 146 5.48 -26.91 -15.45
N SER C 147 4.69 -27.98 -15.49
CA SER C 147 5.20 -29.30 -15.85
C SER C 147 6.42 -29.72 -14.99
N SER C 148 6.49 -29.20 -13.77
CA SER C 148 7.56 -29.54 -12.84
C SER C 148 6.96 -29.55 -11.43
N VAL C 149 6.11 -30.53 -11.18
CA VAL C 149 5.42 -30.67 -9.89
C VAL C 149 6.40 -30.43 -8.73
N GLU C 150 7.63 -30.91 -8.89
CA GLU C 150 8.74 -30.55 -8.01
C GLU C 150 9.54 -29.40 -8.63
N GLY C 151 8.91 -28.22 -8.68
CA GLY C 151 9.50 -27.01 -9.23
C GLY C 151 8.73 -25.78 -8.75
N ARG C 152 8.37 -25.84 -7.47
CA ARG C 152 7.44 -24.92 -6.83
C ARG C 152 8.00 -24.51 -5.48
N LEU C 153 7.88 -23.22 -5.18
CA LEU C 153 8.39 -22.65 -3.95
C LEU C 153 7.22 -22.42 -3.02
N ARG C 154 7.35 -22.83 -1.76
CA ARG C 154 6.25 -22.62 -0.81
C ARG C 154 6.15 -21.16 -0.39
N VAL C 155 4.95 -20.60 -0.47
CA VAL C 155 4.69 -19.26 0.03
C VAL C 155 4.65 -19.28 1.55
N GLN C 156 5.47 -18.46 2.18
CA GLN C 156 5.40 -18.30 3.63
C GLN C 156 4.29 -17.34 4.04
N TYR C 157 4.19 -16.23 3.33
CA TYR C 157 3.18 -15.24 3.59
C TYR C 157 3.08 -14.28 2.41
N PHE C 158 1.96 -13.59 2.34
CA PHE C 158 1.73 -12.55 1.34
C PHE C 158 2.00 -11.18 1.97
N ALA C 159 2.42 -10.21 1.15
CA ALA C 159 2.81 -8.89 1.63
C ALA C 159 2.71 -7.85 0.54
N ILE C 160 2.57 -6.61 0.97
CA ILE C 160 2.57 -5.46 0.06
C ILE C 160 3.79 -4.58 0.31
N LYS C 161 4.28 -3.98 -0.76
CA LYS C 161 5.20 -2.85 -0.64
C LYS C 161 4.75 -1.74 -1.61
N ILE C 162 5.18 -0.52 -1.32
CA ILE C 162 4.92 0.59 -2.20
C ILE C 162 6.23 1.21 -2.68
N LYS C 163 6.15 1.86 -3.83
CA LYS C 163 7.31 2.52 -4.43
C LYS C 163 6.81 3.77 -5.14
N ALA C 164 7.68 4.76 -5.24
CA ALA C 164 7.46 5.91 -6.12
C ALA C 164 8.44 5.81 -7.27
N LYS C 165 8.00 6.21 -8.45
CA LYS C 165 8.85 6.24 -9.64
C LYS C 165 8.64 7.49 -10.44
N ASN C 166 9.66 7.80 -11.25
CA ASN C 166 9.52 8.74 -12.33
C ASN C 166 8.80 8.00 -13.45
N ASP C 167 7.62 8.49 -13.80
CA ASP C 167 6.74 7.76 -14.69
C ASP C 167 7.24 7.79 -16.13
N ASP C 168 8.15 8.70 -16.44
CA ASP C 168 8.68 8.82 -17.80
C ASP C 168 9.86 7.86 -18.06
N ASP C 169 10.69 7.59 -17.05
CA ASP C 169 11.85 6.72 -17.25
C ASP C 169 12.01 5.53 -16.31
N ASP C 170 11.02 5.30 -15.45
CA ASP C 170 11.03 4.18 -14.50
C ASP C 170 12.06 4.26 -13.36
N THR C 171 12.75 5.39 -13.22
CA THR C 171 13.71 5.55 -12.13
C THR C 171 12.96 5.59 -10.78
N GLU C 172 13.47 4.91 -9.76
CA GLU C 172 12.79 4.95 -8.46
C GLU C 172 13.17 6.20 -7.68
N ILE C 173 12.18 6.70 -6.92
CA ILE C 173 12.28 7.92 -6.14
C ILE C 173 12.06 7.55 -4.66
N ASN C 174 12.90 8.08 -3.77
CA ASN C 174 12.81 7.72 -2.36
C ASN C 174 11.55 8.33 -1.72
N LEU C 175 10.88 7.51 -0.92
CA LEU C 175 9.78 7.96 -0.05
C LEU C 175 10.28 7.94 1.39
N VAL C 176 9.71 8.83 2.20
CA VAL C 176 10.04 8.86 3.62
C VAL C 176 8.73 8.93 4.38
N GLN C 177 8.68 8.23 5.50
CA GLN C 177 7.54 8.29 6.41
C GLN C 177 7.93 8.86 7.75
N HIS C 178 6.96 9.47 8.42
CA HIS C 178 7.17 10.03 9.74
C HIS C 178 6.16 9.38 10.70
N THR C 179 6.42 9.47 11.99
CA THR C 179 5.38 9.22 13.00
C THR C 179 4.62 10.52 13.16
N ALA C 180 3.55 10.51 13.97
CA ALA C 180 2.80 11.72 14.26
C ALA C 180 3.67 12.83 14.87
N LYS C 181 4.74 12.44 15.56
CA LYS C 181 5.64 13.42 16.17
C LYS C 181 6.48 14.18 15.15
N ARG C 182 6.52 13.65 13.92
CA ARG C 182 7.22 14.27 12.79
C ARG C 182 8.71 14.48 13.17
N ASP C 183 9.16 15.71 13.37
CA ASP C 183 10.58 15.95 13.68
C ASP C 183 11.02 15.54 15.08
N LYS C 184 10.06 15.40 16.00
CA LYS C 184 10.38 14.94 17.34
C LYS C 184 10.35 13.41 17.43
N GLY C 185 10.26 12.74 16.28
CA GLY C 185 10.32 11.29 16.19
C GLY C 185 11.15 10.83 15.01
N PRO C 186 11.23 9.50 14.80
CA PRO C 186 12.04 8.93 13.71
C PRO C 186 11.46 9.10 12.30
N GLN C 187 12.36 9.09 11.31
CA GLN C 187 12.00 9.00 9.90
C GLN C 187 12.38 7.61 9.40
N PHE C 188 11.57 7.07 8.51
CA PHE C 188 11.81 5.72 7.98
C PHE C 188 11.28 5.56 6.55
N CYS C 189 11.78 4.55 5.83
CA CYS C 189 11.31 4.27 4.48
C CYS C 189 10.13 3.34 4.65
N PRO C 190 9.11 3.44 3.80
CA PRO C 190 7.99 2.50 3.89
C PRO C 190 8.50 1.07 3.86
N SER C 191 7.89 0.23 4.68
CA SER C 191 8.35 -1.15 4.78
C SER C 191 7.35 -2.11 4.14
N VAL C 192 7.82 -3.32 3.94
CA VAL C 192 6.99 -4.40 3.43
C VAL C 192 6.02 -4.80 4.54
N CYS C 193 4.75 -4.93 4.18
CA CYS C 193 3.68 -5.17 5.14
C CYS C 193 3.08 -6.55 4.88
N PRO C 194 3.33 -7.53 5.74
CA PRO C 194 2.58 -8.79 5.64
C PRO C 194 1.11 -8.51 5.80
N LEU C 195 0.28 -9.16 5.00
CA LEU C 195 -1.16 -8.95 5.05
C LEU C 195 -1.93 -10.19 4.67
N VAL C 196 -3.16 -10.27 5.18
CA VAL C 196 -4.14 -11.28 4.78
C VAL C 196 -5.25 -10.57 4.03
N PRO C 197 -5.94 -11.29 3.15
CA PRO C 197 -6.96 -10.64 2.32
C PRO C 197 -8.12 -10.09 3.13
N SER C 198 -8.59 -8.93 2.70
CA SER C 198 -9.62 -8.19 3.40
C SER C 198 -10.25 -7.19 2.43
N PRO C 199 -11.51 -6.81 2.64
CA PRO C 199 -12.07 -5.65 1.93
C PRO C 199 -11.36 -4.38 2.35
N LEU C 200 -11.27 -3.43 1.43
CA LEU C 200 -10.66 -2.15 1.75
C LEU C 200 -11.65 -1.30 2.54
N PRO C 201 -11.25 -0.79 3.70
CA PRO C 201 -12.13 0.11 4.45
C PRO C 201 -12.51 1.34 3.67
N LYS C 202 -13.71 1.83 3.95
CA LYS C 202 -14.23 3.04 3.33
C LYS C 202 -13.33 4.23 3.68
N HIS C 203 -13.36 5.25 2.84
CA HIS C 203 -12.60 6.47 3.08
C HIS C 203 -12.86 7.05 4.47
N GLN C 204 -14.11 7.11 4.88
CA GLN C 204 -14.46 7.64 6.19
C GLN C 204 -13.78 6.88 7.33
N THR C 205 -13.63 5.57 7.17
CA THR C 205 -13.00 4.75 8.20
C THR C 205 -11.51 5.05 8.33
N ILE C 206 -10.84 5.21 7.19
CA ILE C 206 -9.45 5.63 7.20
C ILE C 206 -9.28 6.98 7.90
N ARG C 207 -10.13 7.95 7.58
CA ARG C 207 -10.15 9.24 8.29
C ARG C 207 -10.25 9.08 9.78
N GLU C 208 -11.25 8.32 10.20
CA GLU C 208 -11.57 8.19 11.62
C GLU C 208 -10.46 7.54 12.41
N ALA C 209 -9.68 6.67 11.77
CA ALA C 209 -8.65 5.93 12.45
C ALA C 209 -7.26 6.56 12.34
N SER C 210 -7.18 7.75 11.76
CA SER C 210 -5.89 8.39 11.43
C SER C 210 -5.05 8.81 12.63
N ASN C 211 -5.69 9.18 13.73
CA ASN C 211 -4.98 9.69 14.89
C ASN C 211 -5.65 9.24 16.17
N VAL C 212 -5.88 7.95 16.28
CA VAL C 212 -6.47 7.34 17.48
C VAL C 212 -5.38 6.98 18.48
N ARG C 213 -5.51 7.51 19.69
CA ARG C 213 -4.72 7.09 20.86
C ARG C 213 -5.58 6.37 21.90
N ASN C 214 -6.78 6.88 22.13
CA ASN C 214 -7.70 6.35 23.13
C ASN C 214 -7.91 4.85 23.03
N ILE C 215 -7.67 4.15 24.15
CA ILE C 215 -7.73 2.68 24.19
C ILE C 215 -9.07 2.12 23.72
N THR C 216 -10.16 2.73 24.16
CA THR C 216 -11.49 2.23 23.81
C THR C 216 -11.77 2.32 22.31
N LYS C 217 -11.37 3.43 21.71
CA LYS C 217 -11.58 3.64 20.28
C LYS C 217 -10.66 2.71 19.49
N MET C 218 -9.45 2.50 19.98
CA MET C 218 -8.52 1.58 19.31
C MET C 218 -9.15 0.19 19.21
N LYS C 219 -9.81 -0.23 20.28
CA LYS C 219 -10.47 -1.53 20.32
C LYS C 219 -11.57 -1.61 19.29
N LYS C 220 -12.29 -0.51 19.10
CA LYS C 220 -13.36 -0.43 18.12
C LYS C 220 -12.85 -0.73 16.71
N TYR C 221 -11.66 -0.25 16.38
CA TYR C 221 -11.10 -0.41 15.03
C TYR C 221 -10.21 -1.63 14.87
N ASP C 222 -9.94 -2.33 15.97
CA ASP C 222 -8.93 -3.39 15.94
C ASP C 222 -9.26 -4.48 14.91
N SER C 223 -10.52 -4.90 14.87
CA SER C 223 -10.90 -6.02 13.99
C SER C 223 -10.87 -5.60 12.53
N THR C 224 -10.97 -4.30 12.28
CA THR C 224 -10.85 -3.80 10.91
C THR C 224 -9.43 -3.90 10.37
N PHE C 225 -8.44 -3.63 11.21
CA PHE C 225 -7.06 -3.50 10.76
C PHE C 225 -6.14 -4.67 11.05
N TYR C 226 -6.50 -5.51 12.01
CA TYR C 226 -5.62 -6.61 12.46
C TYR C 226 -6.32 -7.94 12.61
N LEU C 227 -5.56 -9.00 12.32
CA LEU C 227 -5.88 -10.36 12.69
C LEU C 227 -4.86 -10.78 13.74
N HIS C 228 -5.32 -11.15 14.93
CA HIS C 228 -4.41 -11.60 16.00
C HIS C 228 -4.39 -13.11 16.04
N ARG C 229 -3.33 -13.67 15.47
CA ARG C 229 -3.23 -15.13 15.31
C ARG C 229 -3.25 -15.83 16.65
N ASP C 230 -2.71 -15.19 17.66
CA ASP C 230 -2.72 -15.77 19.00
C ASP C 230 -4.13 -15.97 19.59
N HIS C 231 -5.15 -15.42 18.96
CA HIS C 231 -6.53 -15.54 19.43
C HIS C 231 -7.38 -16.57 18.68
N VAL C 232 -6.81 -17.25 17.68
CA VAL C 232 -7.50 -18.33 16.99
C VAL C 232 -7.43 -19.63 17.81
N ASN C 233 -8.29 -20.59 17.47
CA ASN C 233 -8.18 -21.92 18.05
C ASN C 233 -7.10 -22.69 17.30
N TYR C 234 -5.94 -22.86 17.92
CA TYR C 234 -4.79 -23.52 17.28
C TYR C 234 -5.10 -24.94 16.84
N GLU C 235 -6.03 -25.60 17.52
CA GLU C 235 -6.35 -26.98 17.19
C GLU C 235 -7.00 -27.14 15.83
N GLU C 236 -7.49 -26.04 15.26
CA GLU C 236 -8.14 -26.07 13.96
C GLU C 236 -7.14 -26.03 12.81
N TYR C 237 -5.86 -25.83 13.12
CA TYR C 237 -4.85 -25.55 12.09
C TYR C 237 -3.75 -26.60 12.03
N GLY C 238 -3.34 -26.95 10.82
CA GLY C 238 -2.18 -27.79 10.62
C GLY C 238 -0.89 -26.98 10.73
N VAL C 239 0.20 -27.67 11.08
CA VAL C 239 1.51 -27.05 11.19
C VAL C 239 1.93 -26.30 9.94
N ASP C 240 1.54 -26.81 8.79
CA ASP C 240 1.95 -26.21 7.51
C ASP C 240 0.99 -25.15 6.99
N SER C 241 -0.04 -24.80 7.77
CA SER C 241 -1.01 -23.81 7.31
C SER C 241 -0.38 -22.44 7.09
N LEU C 242 -0.94 -21.72 6.11
CA LEU C 242 -0.46 -20.40 5.77
C LEU C 242 -0.46 -19.48 6.99
N LEU C 243 -1.51 -19.50 7.80
CA LEU C 243 -1.60 -18.58 8.93
C LEU C 243 -0.36 -18.69 9.80
N PHE C 244 0.13 -19.90 10.00
CA PHE C 244 1.23 -20.14 10.93
C PHE C 244 2.65 -19.99 10.34
N SER C 245 2.72 -19.62 9.06
CA SER C 245 3.99 -19.19 8.47
C SER C 245 4.12 -17.66 8.34
N TYR C 246 3.10 -16.89 8.75
CA TYR C 246 3.25 -15.44 8.90
C TYR C 246 4.30 -15.17 9.99
N PRO C 247 5.06 -14.09 9.86
CA PRO C 247 6.20 -13.87 10.75
C PRO C 247 5.86 -13.46 12.18
N GLU C 248 4.72 -12.78 12.37
CA GLU C 248 4.31 -12.30 13.69
C GLU C 248 2.85 -12.62 13.97
N ASP C 249 2.50 -12.72 15.25
CA ASP C 249 1.11 -12.97 15.65
C ASP C 249 0.15 -11.88 15.21
N SER C 250 0.55 -10.61 15.29
CA SER C 250 -0.31 -9.51 14.86
C SER C 250 -0.11 -9.30 13.37
N ILE C 251 -1.15 -9.63 12.60
CA ILE C 251 -1.11 -9.58 11.14
C ILE C 251 -2.03 -8.50 10.63
N GLN C 252 -1.51 -7.61 9.81
CA GLN C 252 -2.38 -6.56 9.28
C GLN C 252 -3.37 -7.10 8.24
N LYS C 253 -4.59 -6.53 8.24
CA LYS C 253 -5.61 -6.80 7.23
C LYS C 253 -5.56 -5.71 6.17
N VAL C 254 -4.97 -4.57 6.51
CA VAL C 254 -4.87 -3.41 5.64
C VAL C 254 -3.47 -2.86 5.74
N ALA C 255 -2.84 -2.63 4.60
CA ALA C 255 -1.55 -1.94 4.53
C ALA C 255 -1.85 -0.45 4.58
N ARG C 256 -1.45 0.24 5.63
CA ARG C 256 -1.79 1.66 5.79
C ARG C 256 -0.51 2.43 5.85
N TYR C 257 -0.22 3.21 4.81
CA TYR C 257 0.99 4.00 4.78
C TYR C 257 0.55 5.44 4.95
N GLU C 258 0.70 5.94 6.16
CA GLU C 258 0.30 7.29 6.49
C GLU C 258 1.54 8.14 6.75
N ARG C 259 1.38 9.44 6.59
CA ARG C 259 2.44 10.41 6.86
C ARG C 259 3.65 10.18 5.94
N VAL C 260 3.35 9.83 4.70
CA VAL C 260 4.35 9.58 3.67
C VAL C 260 4.64 10.87 2.89
N GLN C 261 5.92 11.06 2.53
CA GLN C 261 6.34 12.15 1.68
C GLN C 261 7.33 11.67 0.64
N PHE C 262 7.36 12.36 -0.50
CA PHE C 262 8.53 12.31 -1.35
C PHE C 262 9.72 12.92 -0.59
N ALA C 263 10.89 12.30 -0.76
CA ALA C 263 12.09 12.78 -0.08
C ALA C 263 12.34 14.25 -0.40
N SER C 264 12.90 14.99 0.55
CA SER C 264 13.02 16.43 0.42
C SER C 264 14.02 16.83 -0.66
N SER C 265 14.87 15.89 -1.07
CA SER C 265 15.87 16.14 -2.10
C SER C 265 15.37 15.95 -3.55
N ILE C 266 14.11 15.56 -3.75
CA ILE C 266 13.67 15.22 -5.11
C ILE C 266 13.51 16.47 -5.97
N SER C 267 13.96 16.36 -7.23
CA SER C 267 13.76 17.43 -8.20
C SER C 267 12.39 17.20 -8.81
N VAL C 268 11.54 18.22 -8.78
CA VAL C 268 10.15 18.05 -9.26
C VAL C 268 9.93 18.63 -10.66
N LYS C 269 10.94 19.31 -11.18
CA LYS C 269 10.89 19.84 -12.53
C LYS C 269 12.01 19.25 -13.37
N LYS C 270 11.74 19.12 -14.66
CA LYS C 270 12.75 18.77 -15.65
C LYS C 270 13.63 19.99 -15.93
N PRO C 271 14.80 19.78 -16.52
CA PRO C 271 15.64 20.92 -16.91
C PRO C 271 14.94 21.98 -17.77
N SER C 272 13.95 21.57 -18.56
CA SER C 272 13.17 22.47 -19.41
C SER C 272 12.18 23.32 -18.62
N GLN C 273 12.11 23.08 -17.30
CA GLN C 273 11.14 23.64 -16.34
C GLN C 273 9.72 23.06 -16.43
N GLN C 274 9.50 22.11 -17.34
CA GLN C 274 8.29 21.30 -17.34
C GLN C 274 8.24 20.49 -16.08
N ASN C 275 7.04 20.19 -15.63
CA ASN C 275 6.90 19.33 -14.47
C ASN C 275 7.33 17.91 -14.77
N LYS C 276 8.02 17.29 -13.82
CA LYS C 276 8.26 15.86 -13.87
C LYS C 276 6.95 15.12 -13.60
N HIS C 277 6.82 13.92 -14.11
CA HIS C 277 5.65 13.10 -13.83
C HIS C 277 6.10 11.92 -12.98
N PHE C 278 5.43 11.74 -11.85
CA PHE C 278 5.71 10.65 -10.93
C PHE C 278 4.56 9.68 -10.90
N SER C 279 4.77 8.51 -10.32
CA SER C 279 3.70 7.53 -10.15
C SER C 279 3.95 6.74 -8.87
N LEU C 280 2.87 6.44 -8.16
CA LEU C 280 2.93 5.57 -6.99
C LEU C 280 2.49 4.17 -7.37
N HIS C 281 3.28 3.20 -6.92
CA HIS C 281 3.12 1.80 -7.27
C HIS C 281 2.83 1.00 -6.02
N VAL C 282 1.94 0.03 -6.14
CA VAL C 282 1.64 -0.93 -5.06
C VAL C 282 1.93 -2.32 -5.62
N ILE C 283 2.73 -3.10 -4.91
CA ILE C 283 3.15 -4.42 -5.37
C ILE C 283 2.74 -5.44 -4.32
N LEU C 284 2.03 -6.46 -4.78
CA LEU C 284 1.69 -7.62 -3.97
C LEU C 284 2.70 -8.72 -4.25
N GLY C 285 3.24 -9.30 -3.19
CA GLY C 285 4.28 -10.31 -3.32
C GLY C 285 4.04 -11.48 -2.41
N ALA C 286 4.70 -12.58 -2.73
CA ALA C 286 4.78 -13.75 -1.85
C ALA C 286 6.17 -13.82 -1.31
N VAL C 287 6.31 -13.92 0.00
CA VAL C 287 7.62 -14.11 0.61
C VAL C 287 7.94 -15.60 0.70
N VAL C 288 9.11 -15.98 0.18
CA VAL C 288 9.55 -17.37 0.17
C VAL C 288 10.96 -17.49 0.73
N ASP C 289 11.30 -18.71 1.15
CA ASP C 289 12.65 -18.99 1.63
C ASP C 289 13.61 -19.16 0.45
N PRO C 290 14.73 -18.45 0.44
CA PRO C 290 15.66 -18.45 -0.71
C PRO C 290 16.37 -19.78 -0.97
N ASP C 291 16.26 -20.74 -0.05
CA ASP C 291 16.98 -22.01 -0.15
C ASP C 291 16.58 -22.79 -1.41
N PRO C 298 16.36 -18.34 -10.26
CA PRO C 298 15.29 -17.35 -10.16
C PRO C 298 15.20 -16.46 -11.42
N GLY C 299 14.39 -16.92 -12.37
CA GLY C 299 14.21 -16.18 -13.62
C GLY C 299 13.08 -15.18 -13.58
N ILE C 300 12.51 -14.93 -12.40
CA ILE C 300 11.32 -14.11 -12.25
C ILE C 300 11.52 -12.93 -11.29
N PRO C 301 10.73 -11.87 -11.45
CA PRO C 301 10.92 -10.65 -10.64
C PRO C 301 10.75 -10.82 -9.13
N TYR C 302 11.75 -10.34 -8.38
CA TYR C 302 11.71 -10.39 -6.94
C TYR C 302 12.65 -9.36 -6.34
N ASP C 303 12.38 -8.99 -5.11
CA ASP C 303 13.32 -8.24 -4.28
C ASP C 303 13.78 -9.04 -3.07
N GLU C 304 15.02 -8.82 -2.67
CA GLU C 304 15.50 -9.40 -1.43
C GLU C 304 14.77 -8.77 -0.25
N LEU C 305 14.55 -9.56 0.80
CA LEU C 305 13.90 -9.09 2.01
C LEU C 305 14.66 -9.64 3.22
N ALA C 306 14.95 -8.78 4.18
CA ALA C 306 15.52 -9.21 5.45
C ALA C 306 14.44 -9.95 6.25
N LEU C 307 14.62 -11.25 6.42
CA LEU C 307 13.63 -12.10 7.11
C LEU C 307 13.72 -11.99 8.64
N LYS C 308 12.79 -12.64 9.33
CA LYS C 308 12.74 -12.60 10.79
C LYS C 308 13.88 -13.41 11.41
N ASN C 309 14.08 -14.62 10.90
CA ASN C 309 15.17 -15.49 11.39
C ASN C 309 16.59 -15.03 11.01
N GLY C 310 16.70 -13.86 10.37
CA GLY C 310 18.00 -13.27 10.06
C GLY C 310 18.45 -13.50 8.63
N SER C 311 17.97 -14.58 8.02
CA SER C 311 18.38 -14.98 6.66
C SER C 311 17.78 -14.05 5.58
N LYS C 312 18.09 -14.36 4.33
CA LYS C 312 17.69 -13.52 3.19
C LYS C 312 16.46 -14.06 2.48
N GLY C 313 15.28 -13.57 2.86
CA GLY C 313 14.04 -13.93 2.17
C GLY C 313 13.98 -13.38 0.75
N MET C 314 12.97 -13.81 0.00
CA MET C 314 12.73 -13.28 -1.33
C MET C 314 11.28 -12.84 -1.39
N PHE C 315 11.05 -11.59 -1.76
CA PHE C 315 9.70 -11.04 -1.99
C PHE C 315 9.43 -11.19 -3.49
N VAL C 316 8.72 -12.26 -3.85
CA VAL C 316 8.46 -12.58 -5.25
C VAL C 316 7.21 -11.85 -5.73
N TYR C 317 7.34 -11.14 -6.85
CA TYR C 317 6.23 -10.30 -7.30
C TYR C 317 5.07 -11.16 -7.81
N LEU C 318 3.85 -10.78 -7.44
CA LEU C 318 2.60 -11.42 -7.92
C LEU C 318 1.76 -10.50 -8.77
N GLN C 319 1.63 -9.23 -8.36
CA GLN C 319 0.83 -8.26 -9.11
C GLN C 319 1.30 -6.85 -8.75
N GLU C 320 1.17 -5.92 -9.67
CA GLU C 320 1.55 -4.53 -9.43
C GLU C 320 0.51 -3.60 -10.05
N MET C 321 0.14 -2.54 -9.32
CA MET C 321 -0.73 -1.48 -9.85
C MET C 321 -0.01 -0.15 -9.68
N LYS C 322 -0.44 0.85 -10.44
CA LYS C 322 0.18 2.18 -10.35
C LYS C 322 -0.86 3.26 -10.58
N THR C 323 -0.54 4.46 -10.14
CA THR C 323 -1.37 5.62 -10.44
C THR C 323 -1.07 6.17 -11.83
N PRO C 324 -1.97 6.97 -12.38
CA PRO C 324 -1.60 7.79 -13.54
C PRO C 324 -0.53 8.77 -13.13
N PRO C 325 -0.01 9.53 -14.10
CA PRO C 325 1.01 10.51 -13.76
C PRO C 325 0.59 11.56 -12.72
N LEU C 326 1.53 11.88 -11.84
CA LEU C 326 1.34 12.80 -10.73
C LEU C 326 2.32 13.95 -10.88
N ILE C 327 1.84 15.16 -10.60
CA ILE C 327 2.69 16.34 -10.49
C ILE C 327 2.97 16.60 -9.02
N ILE C 328 4.21 16.93 -8.67
CA ILE C 328 4.56 17.27 -7.30
C ILE C 328 5.06 18.70 -7.24
N ARG C 329 4.41 19.52 -6.43
CA ARG C 329 4.81 20.92 -6.32
C ARG C 329 5.83 21.06 -5.21
N GLY C 330 6.90 21.78 -5.50
CA GLY C 330 7.98 21.96 -4.54
C GLY C 330 7.74 23.05 -3.52
N ARG C 331 8.76 23.32 -2.72
CA ARG C 331 8.67 24.28 -1.63
C ARG C 331 8.66 25.76 -2.08
N SER C 332 8.78 26.05 -3.38
CA SER C 332 8.78 27.44 -3.86
C SER C 332 7.59 28.22 -3.28
N PRO C 333 7.81 29.45 -2.82
CA PRO C 333 6.71 30.28 -2.31
C PRO C 333 5.58 30.48 -3.32
N SER C 334 5.90 30.44 -4.61
CA SER C 334 4.90 30.58 -5.68
C SER C 334 3.91 29.41 -5.78
N ASN C 335 4.20 28.31 -5.08
CA ASN C 335 3.22 27.22 -4.97
C ASN C 335 2.21 27.41 -3.85
N TYR C 336 2.26 28.54 -3.15
CA TYR C 336 1.39 28.79 -2.01
C TYR C 336 0.64 30.10 -2.11
N ALA C 337 -0.57 30.10 -1.57
CA ALA C 337 -1.46 31.26 -1.64
C ALA C 337 -0.89 32.47 -0.88
N SER C 338 0.02 32.21 0.07
CA SER C 338 0.66 33.30 0.81
C SER C 338 1.43 34.26 -0.08
N SER C 339 1.91 33.75 -1.23
CA SER C 339 2.67 34.57 -2.18
C SER C 339 1.80 35.59 -2.92
N GLN C 340 0.48 35.38 -2.88
CA GLN C 340 -0.48 36.27 -3.53
C GLN C 340 -1.06 37.32 -2.57
#